data_1Q0Y
#
_entry.id   1Q0Y
#
_cell.length_a   56.118
_cell.length_b   60.024
_cell.length_c   115.263
_cell.angle_alpha   90.00
_cell.angle_beta   92.39
_cell.angle_gamma   90.00
#
_symmetry.space_group_name_H-M   'C 1 2 1'
#
loop_
_entity.id
_entity.type
_entity.pdbx_description
1 polymer 'Fab 9B1, Light chain'
2 polymer 'Fab 9B1, Heavy chain'
3 non-polymer 'SULFATE ION'
4 non-polymer (7R,7AS,12BS)-3-METHYL-2,3,4,4A,7,7A-HEXAHYDRO-1H-4,12-METHANO[1]BENZOFURO[3,2-E]ISOQUINOLINE-7,9-DIOL
5 water water
#
loop_
_entity_poly.entity_id
_entity_poly.type
_entity_poly.pdbx_seq_one_letter_code
_entity_poly.pdbx_strand_id
1 'polypeptide(L)'
;DAVVTQESALTTSPGETVTLTCRSSTGAVTTSNYANWVQEKPDHLFTGLIGGTNNRAPGVPARFSGSLIGDKAALTITGA
QTEDEAIYFCALWSNNKLVFGGGTKLTVLGQPKSSPTVTLFPPSSEELSTAKATLVCTITDFYPGVVTVDWKVDGTPVTA
GMETTQPSKQSNNKYMASSYLTLTARAWERHSSYSCQVTHEGHSSNKTLSRA
;
L
2 'polypeptide(L)'
;EVQLQQSGAELMKPGASVKISCKATGYTFSSYWIEWVKQRPGHGLEWIGEILPGSGDTIFNEKFKGKATFTADTSSNTAY
MQLSSLTSEDSAVYYCARWVLDYYGMDYWGQGTSLTVSSASTTPPSVYPLAPGG(UNK)(UNK)(UNK)(UNK)(UNK)
(UNK)SAMVTLGCLVKGYFPEPVTVVWNKGSLSTGTHTFPAVLAADLYTLSSSVTVSASSWPGQSVTCNVAHPASSTKVD
KKIAPS
;
H
#
# COMPACT_ATOMS: atom_id res chain seq x y z
N ASP A 1 7.11 27.51 -6.86
CA ASP A 1 6.54 26.24 -6.35
C ASP A 1 5.48 25.69 -7.30
N ALA A 2 5.90 25.29 -8.49
CA ALA A 2 4.99 24.75 -9.48
C ALA A 2 4.28 23.50 -8.96
N VAL A 3 3.07 23.26 -9.47
CA VAL A 3 2.28 22.08 -9.12
C VAL A 3 2.29 21.20 -10.36
N VAL A 4 2.70 19.94 -10.20
CA VAL A 4 2.77 19.01 -11.33
C VAL A 4 1.57 18.08 -11.38
N THR A 5 0.87 18.09 -12.51
CA THR A 5 -0.31 17.26 -12.68
C THR A 5 -0.20 16.11 -13.68
N GLN A 6 -0.66 14.93 -13.24
CA GLN A 6 -0.64 13.71 -14.03
C GLN A 6 -2.01 13.04 -14.02
N GLU A 7 -2.30 12.21 -15.03
CA GLU A 7 -3.58 11.49 -15.07
C GLU A 7 -3.56 10.60 -13.82
N SER A 8 -4.70 10.47 -13.13
CA SER A 8 -4.72 9.64 -11.92
C SER A 8 -4.60 8.16 -12.23
N ALA A 9 -5.24 7.71 -13.31
CA ALA A 9 -5.21 6.30 -13.67
C ALA A 9 -5.52 6.04 -15.15
N LEU A 10 -4.90 5.01 -15.69
CA LEU A 10 -5.10 4.62 -17.06
C LEU A 10 -5.01 3.10 -17.11
N THR A 11 -5.78 2.49 -18.01
CA THR A 11 -5.79 1.06 -18.18
C THR A 11 -5.43 0.73 -19.62
N THR A 12 -4.58 -0.28 -19.80
CA THR A 12 -4.19 -0.71 -21.13
C THR A 12 -4.09 -2.23 -21.14
N SER A 13 -3.95 -2.80 -22.33
CA SER A 13 -3.82 -4.25 -22.48
C SER A 13 -2.43 -4.54 -23.02
N PRO A 14 -1.93 -5.77 -22.80
CA PRO A 14 -0.59 -6.14 -23.29
C PRO A 14 -0.44 -5.90 -24.79
N GLY A 15 0.72 -5.40 -25.19
CA GLY A 15 0.99 -5.13 -26.59
C GLY A 15 0.59 -3.75 -27.10
N GLU A 16 -0.23 -3.04 -26.34
CA GLU A 16 -0.66 -1.71 -26.76
C GLU A 16 0.30 -0.59 -26.41
N THR A 17 0.06 0.56 -27.01
CA THR A 17 0.87 1.74 -26.72
C THR A 17 0.05 2.61 -25.79
N VAL A 18 0.67 3.09 -24.73
CA VAL A 18 -0.02 3.96 -23.80
C VAL A 18 0.85 5.18 -23.58
N THR A 19 0.22 6.34 -23.45
CA THR A 19 0.94 7.60 -23.26
C THR A 19 0.49 8.32 -21.99
N LEU A 20 1.46 8.68 -21.15
CA LEU A 20 1.20 9.39 -19.90
C LEU A 20 1.73 10.82 -20.02
N THR A 21 1.02 11.78 -19.41
CA THR A 21 1.44 13.17 -19.49
C THR A 21 1.76 13.78 -18.13
N CYS A 22 2.49 14.87 -18.18
CA CYS A 22 2.95 15.57 -16.98
C CYS A 22 2.89 17.06 -17.27
N ARG A 23 1.98 17.75 -16.60
CA ARG A 23 1.80 19.19 -16.80
C ARG A 23 2.21 20.04 -15.61
N SER A 24 2.66 21.25 -15.89
CA SER A 24 3.08 22.21 -14.87
C SER A 24 2.07 23.35 -14.81
N SER A 25 1.77 23.80 -13.60
CA SER A 25 0.82 24.89 -13.44
C SER A 25 1.47 26.23 -13.79
N THR A 26 2.81 26.24 -13.82
CA THR A 26 3.58 27.43 -14.14
C THR A 26 3.50 27.75 -15.63
N GLY A 27 3.47 26.73 -16.46
CA GLY A 27 3.40 26.92 -17.89
C GLY A 27 3.85 25.70 -18.67
N ALA A 28 4.25 25.92 -19.91
CA ALA A 28 4.70 24.82 -20.75
C ALA A 28 5.96 24.19 -20.19
N VAL A 29 6.01 22.86 -20.20
CA VAL A 29 7.18 22.15 -19.72
C VAL A 29 8.21 22.25 -20.83
N THR A 30 9.45 22.60 -20.47
CA THR A 30 10.52 22.71 -21.45
C THR A 30 11.67 21.80 -21.05
N THR A 31 12.64 21.64 -21.94
CA THR A 31 13.78 20.78 -21.65
C THR A 31 14.54 21.32 -20.43
N SER A 32 14.24 22.55 -20.03
CA SER A 32 14.90 23.15 -18.89
C SER A 32 14.35 22.62 -17.57
N ASN A 33 13.24 21.90 -17.65
CA ASN A 33 12.62 21.32 -16.45
C ASN A 33 13.15 19.90 -16.23
N TYR A 34 14.02 19.43 -17.12
CA TYR A 34 14.62 18.10 -17.00
C TYR A 34 13.62 17.02 -16.57
N ALA A 35 12.50 16.92 -17.27
CA ALA A 35 11.47 15.96 -16.92
C ALA A 35 12.01 14.56 -16.65
N ASN A 36 11.58 14.02 -15.52
CA ASN A 36 11.95 12.68 -15.09
C ASN A 36 10.69 11.84 -15.01
N TRP A 37 10.87 10.53 -15.18
CA TRP A 37 9.78 9.60 -15.05
C TRP A 37 10.36 8.43 -14.24
N VAL A 38 9.71 8.12 -13.13
CA VAL A 38 10.17 7.02 -12.29
C VAL A 38 9.00 6.07 -12.14
N GLN A 39 9.33 4.80 -11.88
CA GLN A 39 8.34 3.75 -11.76
C GLN A 39 8.34 3.05 -10.42
N GLU A 40 7.15 2.94 -9.82
CA GLU A 40 6.97 2.29 -8.53
C GLU A 40 6.09 1.06 -8.66
N LYS A 41 6.67 -0.11 -8.43
CA LYS A 41 5.91 -1.36 -8.50
C LYS A 41 5.55 -1.80 -7.08
N PRO A 42 4.71 -2.83 -6.94
CA PRO A 42 4.29 -3.34 -5.63
C PRO A 42 5.40 -3.47 -4.59
N ASP A 43 5.08 -3.10 -3.36
CA ASP A 43 6.01 -3.12 -2.23
C ASP A 43 6.98 -1.97 -2.41
N HIS A 44 6.42 -0.83 -2.83
CA HIS A 44 7.17 0.41 -3.08
C HIS A 44 8.59 0.22 -3.60
N LEU A 45 8.68 -0.38 -4.78
CA LEU A 45 9.96 -0.60 -5.42
C LEU A 45 10.12 0.43 -6.54
N PHE A 46 10.94 1.44 -6.30
CA PHE A 46 11.17 2.49 -7.28
C PHE A 46 12.41 2.31 -8.15
N THR A 47 12.34 2.84 -9.36
CA THR A 47 13.48 2.81 -10.27
C THR A 47 13.27 3.89 -11.33
N GLY A 48 14.34 4.60 -11.66
CA GLY A 48 14.25 5.65 -12.66
C GLY A 48 14.11 5.09 -14.05
N LEU A 49 13.37 5.79 -14.89
CA LEU A 49 13.14 5.37 -16.28
C LEU A 49 13.68 6.41 -17.26
N ILE A 50 13.26 7.64 -17.05
CA ILE A 50 13.65 8.73 -17.93
C ILE A 50 14.20 9.93 -17.16
N GLY A 51 15.24 10.52 -17.71
CA GLY A 51 15.83 11.70 -17.11
C GLY A 51 16.07 12.72 -18.22
N GLY A 52 16.12 14.00 -17.86
CA GLY A 52 16.37 15.04 -18.85
C GLY A 52 15.46 14.98 -20.06
N THR A 53 14.16 14.79 -19.80
CA THR A 53 13.13 14.73 -20.83
C THR A 53 13.10 13.43 -21.65
N ASN A 54 14.23 13.04 -22.24
CA ASN A 54 14.24 11.85 -23.07
C ASN A 54 15.40 10.87 -22.93
N ASN A 55 16.19 10.99 -21.86
CA ASN A 55 17.31 10.08 -21.65
C ASN A 55 16.77 8.85 -20.92
N ARG A 56 17.09 7.66 -21.41
CA ARG A 56 16.62 6.44 -20.80
C ARG A 56 17.68 5.89 -19.84
N ALA A 57 17.25 5.57 -18.62
CA ALA A 57 18.15 5.04 -17.59
C ALA A 57 18.76 3.71 -18.00
N PRO A 58 19.90 3.35 -17.39
CA PRO A 58 20.59 2.09 -17.69
C PRO A 58 19.72 0.87 -17.40
N GLY A 59 19.75 -0.10 -18.31
CA GLY A 59 18.96 -1.30 -18.14
C GLY A 59 17.48 -1.16 -18.44
N VAL A 60 17.00 0.07 -18.62
CA VAL A 60 15.58 0.27 -18.91
C VAL A 60 15.22 -0.18 -20.32
N PRO A 61 14.15 -0.98 -20.45
CA PRO A 61 13.66 -1.50 -21.73
C PRO A 61 13.45 -0.41 -22.77
N ALA A 62 13.80 -0.70 -24.02
CA ALA A 62 13.65 0.26 -25.10
C ALA A 62 12.20 0.71 -25.36
N ARG A 63 11.23 -0.07 -24.87
CA ARG A 63 9.83 0.28 -25.10
C ARG A 63 9.40 1.53 -24.34
N PHE A 64 10.27 2.02 -23.46
CA PHE A 64 9.98 3.22 -22.69
C PHE A 64 10.65 4.41 -23.35
N SER A 65 9.92 5.50 -23.53
CA SER A 65 10.52 6.69 -24.12
C SER A 65 9.86 7.94 -23.59
N GLY A 66 10.63 9.01 -23.50
CA GLY A 66 10.11 10.26 -23.00
C GLY A 66 10.20 11.33 -24.05
N SER A 67 9.29 12.30 -23.98
CA SER A 67 9.28 13.38 -24.95
C SER A 67 8.42 14.49 -24.38
N LEU A 68 8.16 15.50 -25.22
CA LEU A 68 7.30 16.61 -24.83
C LEU A 68 6.15 16.55 -25.85
N ILE A 69 4.93 16.72 -25.38
CA ILE A 69 3.77 16.73 -26.25
C ILE A 69 3.06 18.04 -25.94
N GLY A 70 3.21 19.01 -26.85
CA GLY A 70 2.59 20.30 -26.62
C GLY A 70 3.34 20.99 -25.50
N ASP A 71 2.62 21.42 -24.49
CA ASP A 71 3.22 22.10 -23.35
C ASP A 71 3.45 21.15 -22.17
N LYS A 72 3.29 19.85 -22.41
CA LYS A 72 3.46 18.85 -21.36
C LYS A 72 4.57 17.87 -21.69
N ALA A 73 5.07 17.19 -20.68
CA ALA A 73 6.10 16.16 -20.85
C ALA A 73 5.30 14.87 -20.98
N ALA A 74 5.86 13.87 -21.65
CA ALA A 74 5.13 12.62 -21.82
C ALA A 74 5.99 11.38 -21.76
N LEU A 75 5.39 10.29 -21.30
CA LEU A 75 6.06 9.00 -21.24
C LEU A 75 5.27 8.07 -22.11
N THR A 76 5.96 7.45 -23.06
CA THR A 76 5.33 6.50 -23.96
C THR A 76 5.87 5.10 -23.69
N ILE A 77 4.97 4.13 -23.59
CA ILE A 77 5.34 2.74 -23.39
C ILE A 77 4.73 1.99 -24.57
N THR A 78 5.56 1.51 -25.49
CA THR A 78 5.06 0.76 -26.64
C THR A 78 5.03 -0.74 -26.25
N GLY A 79 4.25 -1.53 -26.98
CA GLY A 79 4.16 -2.95 -26.67
C GLY A 79 4.13 -3.23 -25.17
N ALA A 80 3.15 -2.65 -24.48
CA ALA A 80 3.03 -2.79 -23.03
C ALA A 80 3.10 -4.23 -22.56
N GLN A 81 3.84 -4.45 -21.48
CA GLN A 81 4.00 -5.78 -20.90
C GLN A 81 3.24 -5.81 -19.57
N THR A 82 2.75 -6.99 -19.19
CA THR A 82 2.03 -7.08 -17.93
C THR A 82 2.91 -6.58 -16.78
N GLU A 83 4.22 -6.76 -16.91
CA GLU A 83 5.18 -6.33 -15.89
C GLU A 83 5.27 -4.80 -15.80
N ASP A 84 4.68 -4.11 -16.76
CA ASP A 84 4.72 -2.64 -16.77
C ASP A 84 3.66 -2.01 -15.85
N GLU A 85 2.84 -2.84 -15.23
CA GLU A 85 1.84 -2.30 -14.31
C GLU A 85 2.59 -1.69 -13.13
N ALA A 86 2.26 -0.44 -12.81
CA ALA A 86 2.92 0.26 -11.71
C ALA A 86 2.36 1.66 -11.58
N ILE A 87 2.95 2.43 -10.67
CA ILE A 87 2.55 3.82 -10.50
C ILE A 87 3.70 4.63 -11.08
N TYR A 88 3.40 5.43 -12.11
CA TYR A 88 4.41 6.25 -12.76
C TYR A 88 4.39 7.71 -12.31
N PHE A 89 5.51 8.17 -11.75
CA PHE A 89 5.61 9.54 -11.28
C PHE A 89 6.51 10.37 -12.18
N CYS A 90 6.13 11.62 -12.44
CA CYS A 90 7.00 12.47 -13.22
C CYS A 90 7.55 13.48 -12.22
N ALA A 91 8.69 14.07 -12.54
CA ALA A 91 9.31 15.06 -11.67
C ALA A 91 9.88 16.17 -12.54
N LEU A 92 9.62 17.41 -12.15
CA LEU A 92 10.12 18.55 -12.89
C LEU A 92 10.99 19.43 -12.01
N TRP A 93 12.07 19.96 -12.57
CA TRP A 93 12.95 20.85 -11.82
C TRP A 93 12.56 22.28 -12.18
N SER A 94 12.03 23.01 -11.21
CA SER A 94 11.61 24.39 -11.42
C SER A 94 11.71 25.21 -10.13
N ASN A 95 12.24 26.42 -10.25
CA ASN A 95 12.39 27.30 -9.09
C ASN A 95 13.34 26.66 -8.09
N ASN A 96 14.39 26.03 -8.59
CA ASN A 96 15.38 25.37 -7.75
C ASN A 96 14.77 24.32 -6.84
N LYS A 97 13.63 23.77 -7.27
CA LYS A 97 12.94 22.73 -6.50
C LYS A 97 12.58 21.57 -7.44
N LEU A 98 12.68 20.35 -6.94
CA LEU A 98 12.30 19.20 -7.75
C LEU A 98 10.88 18.94 -7.29
N VAL A 99 9.92 18.99 -8.22
CA VAL A 99 8.53 18.77 -7.88
C VAL A 99 7.97 17.54 -8.59
N PHE A 100 7.37 16.64 -7.81
CA PHE A 100 6.80 15.39 -8.32
C PHE A 100 5.32 15.51 -8.64
N GLY A 101 4.89 14.79 -9.67
CA GLY A 101 3.48 14.77 -9.99
C GLY A 101 2.81 13.84 -8.98
N GLY A 102 1.50 13.75 -9.01
CA GLY A 102 0.81 12.87 -8.06
C GLY A 102 0.87 11.42 -8.46
N GLY A 103 1.44 11.14 -9.65
CA GLY A 103 1.55 9.77 -10.09
C GLY A 103 0.34 9.21 -10.83
N THR A 104 0.60 8.38 -11.82
CA THR A 104 -0.45 7.75 -12.61
C THR A 104 -0.41 6.25 -12.35
N LYS A 105 -1.53 5.69 -11.91
CA LYS A 105 -1.56 4.26 -11.66
C LYS A 105 -1.93 3.56 -12.97
N LEU A 106 -0.95 2.86 -13.54
CA LEU A 106 -1.17 2.15 -14.79
C LEU A 106 -1.55 0.70 -14.53
N THR A 107 -2.71 0.32 -15.05
CA THR A 107 -3.18 -1.05 -14.93
C THR A 107 -2.97 -1.71 -16.29
N VAL A 108 -2.33 -2.87 -16.30
CA VAL A 108 -2.15 -3.62 -17.54
C VAL A 108 -2.94 -4.90 -17.33
N LEU A 109 -4.01 -5.08 -18.11
CA LEU A 109 -4.86 -6.24 -17.97
C LEU A 109 -4.12 -7.51 -18.36
N GLY A 110 -3.58 -8.20 -17.35
CA GLY A 110 -2.83 -9.42 -17.61
C GLY A 110 -3.58 -10.70 -17.37
N GLN A 111 -4.89 -10.60 -17.16
CA GLN A 111 -5.72 -11.78 -16.94
C GLN A 111 -7.16 -11.37 -17.15
N PRO A 112 -8.05 -12.35 -17.35
CA PRO A 112 -9.47 -12.08 -17.57
C PRO A 112 -10.08 -11.33 -16.39
N LYS A 113 -11.02 -10.44 -16.67
CA LYS A 113 -11.67 -9.71 -15.59
C LYS A 113 -12.45 -10.78 -14.83
N SER A 114 -12.59 -10.59 -13.52
CA SER A 114 -13.30 -11.56 -12.70
C SER A 114 -14.10 -10.84 -11.62
N SER A 115 -15.40 -11.12 -11.55
CA SER A 115 -16.27 -10.53 -10.54
C SER A 115 -15.87 -11.13 -9.20
N PRO A 116 -16.09 -10.39 -8.10
CA PRO A 116 -15.71 -10.93 -6.80
C PRO A 116 -16.69 -11.95 -6.20
N THR A 117 -16.15 -12.79 -5.33
CA THR A 117 -16.94 -13.77 -4.60
C THR A 117 -17.10 -13.11 -3.24
N VAL A 118 -18.33 -12.93 -2.80
CA VAL A 118 -18.59 -12.29 -1.52
C VAL A 118 -19.16 -13.24 -0.48
N THR A 119 -18.61 -13.17 0.72
CA THR A 119 -19.04 -13.99 1.84
C THR A 119 -19.28 -13.08 3.03
N LEU A 120 -20.45 -13.20 3.66
CA LEU A 120 -20.77 -12.35 4.81
C LEU A 120 -20.88 -13.15 6.12
N PHE A 121 -20.11 -12.73 7.12
CA PHE A 121 -20.12 -13.38 8.41
C PHE A 121 -20.79 -12.53 9.46
N PRO A 122 -21.65 -13.14 10.29
CA PRO A 122 -22.35 -12.44 11.37
C PRO A 122 -21.42 -12.37 12.58
N PRO A 123 -21.75 -11.54 13.59
CA PRO A 123 -20.91 -11.43 14.78
C PRO A 123 -20.90 -12.73 15.58
N SER A 124 -19.78 -13.03 16.23
CA SER A 124 -19.67 -14.25 17.03
C SER A 124 -20.34 -13.98 18.38
N SER A 125 -20.87 -15.04 18.98
CA SER A 125 -21.54 -14.92 20.27
C SER A 125 -20.57 -14.37 21.30
N GLU A 126 -19.31 -14.82 21.22
CA GLU A 126 -18.29 -14.38 22.15
C GLU A 126 -18.06 -12.87 22.08
N GLU A 127 -18.14 -12.31 20.88
CA GLU A 127 -17.95 -10.88 20.74
C GLU A 127 -19.16 -10.11 21.26
N LEU A 128 -20.36 -10.57 20.88
CA LEU A 128 -21.59 -9.92 21.32
C LEU A 128 -21.61 -9.78 22.84
N SER A 129 -21.00 -10.76 23.51
CA SER A 129 -20.93 -10.78 24.97
C SER A 129 -20.18 -9.59 25.54
N THR A 130 -19.32 -8.97 24.73
CA THR A 130 -18.56 -7.82 25.17
C THR A 130 -19.31 -6.55 24.77
N ALA A 131 -20.56 -6.73 24.36
CA ALA A 131 -21.40 -5.61 23.93
C ALA A 131 -20.83 -5.00 22.66
N LYS A 132 -20.30 -5.86 21.78
CA LYS A 132 -19.72 -5.44 20.51
C LYS A 132 -20.22 -6.37 19.41
N ALA A 133 -20.26 -5.87 18.17
CA ALA A 133 -20.71 -6.68 17.05
C ALA A 133 -19.99 -6.26 15.77
N THR A 134 -19.27 -7.20 15.18
CA THR A 134 -18.53 -6.93 13.95
C THR A 134 -18.91 -7.88 12.83
N LEU A 135 -19.48 -7.36 11.75
CA LEU A 135 -19.81 -8.23 10.63
C LEU A 135 -18.59 -8.18 9.72
N VAL A 136 -18.25 -9.33 9.15
CA VAL A 136 -17.09 -9.42 8.27
C VAL A 136 -17.53 -9.83 6.87
N CYS A 137 -17.17 -9.01 5.89
CA CYS A 137 -17.50 -9.26 4.49
C CYS A 137 -16.21 -9.58 3.73
N THR A 138 -16.01 -10.84 3.38
CA THR A 138 -14.81 -11.20 2.63
C THR A 138 -15.08 -11.12 1.14
N ILE A 139 -14.09 -10.60 0.42
CA ILE A 139 -14.21 -10.42 -1.02
C ILE A 139 -12.99 -11.04 -1.67
N THR A 140 -13.20 -12.08 -2.47
CA THR A 140 -12.08 -12.75 -3.10
C THR A 140 -12.23 -12.98 -4.59
N ASP A 141 -11.11 -13.38 -5.20
CA ASP A 141 -11.02 -13.68 -6.62
C ASP A 141 -11.51 -12.64 -7.60
N PHE A 142 -11.20 -11.37 -7.37
CA PHE A 142 -11.62 -10.37 -8.34
C PHE A 142 -10.44 -9.78 -9.11
N TYR A 143 -10.74 -9.25 -10.29
CA TYR A 143 -9.73 -8.64 -11.16
C TYR A 143 -10.46 -7.78 -12.20
N PRO A 144 -10.02 -6.53 -12.41
CA PRO A 144 -8.90 -5.84 -11.76
C PRO A 144 -9.11 -5.70 -10.25
N GLY A 145 -8.08 -5.28 -9.55
CA GLY A 145 -8.17 -5.15 -8.11
C GLY A 145 -8.72 -3.85 -7.57
N VAL A 146 -9.90 -3.44 -8.05
CA VAL A 146 -10.53 -2.22 -7.58
C VAL A 146 -12.00 -2.46 -7.27
N VAL A 147 -12.41 -2.22 -6.02
CA VAL A 147 -13.81 -2.39 -5.66
C VAL A 147 -14.28 -1.32 -4.68
N THR A 148 -15.58 -1.10 -4.63
CA THR A 148 -16.15 -0.17 -3.68
C THR A 148 -17.18 -0.99 -2.91
N VAL A 149 -17.26 -0.77 -1.61
CA VAL A 149 -18.18 -1.53 -0.78
C VAL A 149 -19.23 -0.65 -0.10
N ASP A 150 -20.46 -1.12 -0.11
CA ASP A 150 -21.57 -0.41 0.51
C ASP A 150 -22.33 -1.35 1.44
N TRP A 151 -22.59 -0.88 2.65
CA TRP A 151 -23.33 -1.67 3.63
C TRP A 151 -24.72 -1.10 3.81
N LYS A 152 -25.68 -1.97 4.10
CA LYS A 152 -27.04 -1.52 4.32
C LYS A 152 -27.66 -2.31 5.44
N VAL A 153 -28.43 -1.61 6.25
CA VAL A 153 -29.13 -2.23 7.37
C VAL A 153 -30.62 -2.05 7.05
N ASP A 154 -31.30 -3.17 6.80
CA ASP A 154 -32.71 -3.15 6.46
C ASP A 154 -32.97 -2.19 5.29
N GLY A 155 -32.10 -2.25 4.29
CA GLY A 155 -32.26 -1.42 3.11
C GLY A 155 -31.71 0.00 3.17
N THR A 156 -31.24 0.44 4.33
CA THR A 156 -30.70 1.80 4.44
C THR A 156 -29.18 1.78 4.57
N PRO A 157 -28.49 2.64 3.81
CA PRO A 157 -27.03 2.73 3.84
C PRO A 157 -26.47 3.08 5.21
N VAL A 158 -25.37 2.43 5.57
CA VAL A 158 -24.71 2.70 6.84
C VAL A 158 -23.20 2.75 6.59
N THR A 159 -22.54 3.77 7.13
CA THR A 159 -21.10 3.92 6.97
C THR A 159 -20.38 4.07 8.31
N ALA A 160 -21.12 4.43 9.35
CA ALA A 160 -20.48 4.59 10.66
C ALA A 160 -19.99 3.22 11.11
N GLY A 161 -18.79 3.18 11.67
CA GLY A 161 -18.22 1.93 12.14
C GLY A 161 -17.79 1.01 11.00
N MET A 162 -17.80 1.54 9.79
CA MET A 162 -17.43 0.75 8.63
C MET A 162 -16.02 1.04 8.12
N GLU A 163 -15.26 -0.03 7.88
CA GLU A 163 -13.89 0.07 7.39
C GLU A 163 -13.65 -0.97 6.30
N THR A 164 -12.89 -0.60 5.28
CA THR A 164 -12.60 -1.54 4.19
C THR A 164 -11.12 -1.52 3.87
N THR A 165 -10.54 -2.71 3.72
CA THR A 165 -9.12 -2.84 3.45
C THR A 165 -8.74 -2.47 2.02
N GLN A 166 -7.44 -2.30 1.82
CA GLN A 166 -6.92 -2.04 0.49
C GLN A 166 -6.86 -3.44 -0.13
N PRO A 167 -6.97 -3.53 -1.47
CA PRO A 167 -6.92 -4.85 -2.11
C PRO A 167 -5.49 -5.38 -2.15
N SER A 168 -5.35 -6.70 -2.14
CA SER A 168 -4.03 -7.32 -2.20
C SER A 168 -4.13 -8.54 -3.10
N LYS A 169 -3.00 -8.95 -3.67
CA LYS A 169 -2.98 -10.10 -4.56
C LYS A 169 -3.06 -11.43 -3.84
N GLN A 170 -3.78 -12.36 -4.47
CA GLN A 170 -3.93 -13.71 -3.94
C GLN A 170 -2.87 -14.56 -4.62
N SER A 171 -2.69 -15.80 -4.17
CA SER A 171 -1.69 -16.67 -4.78
C SER A 171 -2.00 -16.94 -6.26
N ASN A 172 -3.29 -16.92 -6.63
CA ASN A 172 -3.66 -17.18 -8.01
C ASN A 172 -3.62 -15.91 -8.86
N ASN A 173 -3.05 -14.85 -8.32
CA ASN A 173 -2.91 -13.57 -9.02
C ASN A 173 -4.14 -12.68 -9.07
N LYS A 174 -5.27 -13.16 -8.58
CA LYS A 174 -6.47 -12.32 -8.55
C LYS A 174 -6.35 -11.48 -7.28
N TYR A 175 -7.39 -10.70 -6.96
CA TYR A 175 -7.33 -9.86 -5.76
C TYR A 175 -8.33 -10.21 -4.69
N MET A 176 -8.04 -9.76 -3.47
CA MET A 176 -8.90 -10.00 -2.32
C MET A 176 -8.92 -8.76 -1.45
N ALA A 177 -9.91 -8.69 -0.57
CA ALA A 177 -10.06 -7.58 0.35
C ALA A 177 -11.20 -7.93 1.28
N SER A 178 -11.36 -7.14 2.35
CA SER A 178 -12.45 -7.39 3.27
C SER A 178 -13.01 -6.07 3.77
N SER A 179 -14.23 -6.11 4.29
CA SER A 179 -14.88 -4.93 4.82
C SER A 179 -15.49 -5.31 6.15
N TYR A 180 -15.55 -4.35 7.06
CA TYR A 180 -16.08 -4.58 8.39
C TYR A 180 -17.10 -3.52 8.77
N LEU A 181 -18.13 -3.95 9.48
CA LEU A 181 -19.15 -3.03 9.99
C LEU A 181 -19.24 -3.37 11.47
N THR A 182 -18.80 -2.46 12.32
CA THR A 182 -18.85 -2.74 13.75
C THR A 182 -19.83 -1.83 14.47
N LEU A 183 -20.72 -2.44 15.25
CA LEU A 183 -21.71 -1.70 16.02
C LEU A 183 -21.60 -2.22 17.45
N THR A 184 -22.37 -1.63 18.36
CA THR A 184 -22.40 -2.11 19.72
C THR A 184 -23.37 -3.27 19.61
N ALA A 185 -23.38 -4.19 20.58
CA ALA A 185 -24.30 -5.31 20.49
C ALA A 185 -25.74 -4.80 20.52
N ARG A 186 -25.97 -3.74 21.29
CA ARG A 186 -27.29 -3.15 21.42
C ARG A 186 -27.79 -2.60 20.08
N ALA A 187 -26.89 -2.01 19.30
CA ALA A 187 -27.24 -1.45 18.00
C ALA A 187 -27.47 -2.58 16.99
N TRP A 188 -26.67 -3.63 17.11
CA TRP A 188 -26.79 -4.80 16.24
C TRP A 188 -28.18 -5.42 16.42
N GLU A 189 -28.73 -5.28 17.63
CA GLU A 189 -30.05 -5.81 17.92
C GLU A 189 -31.19 -4.88 17.50
N ARG A 190 -30.85 -3.70 17.00
CA ARG A 190 -31.86 -2.74 16.56
C ARG A 190 -32.10 -2.80 15.06
N HIS A 191 -31.54 -3.81 14.41
CA HIS A 191 -31.69 -3.99 12.98
C HIS A 191 -31.88 -5.47 12.70
N SER A 192 -32.44 -5.79 11.53
CA SER A 192 -32.66 -7.19 11.19
C SER A 192 -31.82 -7.70 10.03
N SER A 193 -31.99 -7.11 8.86
CA SER A 193 -31.24 -7.54 7.69
C SER A 193 -29.99 -6.71 7.46
N TYR A 194 -28.86 -7.39 7.31
CA TYR A 194 -27.60 -6.71 7.06
C TYR A 194 -27.11 -7.10 5.69
N SER A 195 -26.63 -6.12 4.93
CA SER A 195 -26.16 -6.38 3.59
C SER A 195 -24.82 -5.76 3.21
N CYS A 196 -23.97 -6.58 2.60
CA CYS A 196 -22.67 -6.13 2.12
C CYS A 196 -22.71 -6.21 0.61
N GLN A 197 -22.59 -5.07 -0.05
CA GLN A 197 -22.63 -5.05 -1.51
C GLN A 197 -21.29 -4.57 -2.07
N VAL A 198 -20.73 -5.35 -3.00
CA VAL A 198 -19.44 -5.00 -3.59
C VAL A 198 -19.60 -4.68 -5.07
N THR A 199 -19.25 -3.45 -5.44
CA THR A 199 -19.35 -3.03 -6.83
C THR A 199 -17.96 -3.13 -7.48
N HIS A 200 -17.92 -3.82 -8.61
CA HIS A 200 -16.68 -4.04 -9.33
C HIS A 200 -16.94 -3.94 -10.84
N GLU A 201 -16.23 -3.02 -11.51
CA GLU A 201 -16.40 -2.83 -12.95
C GLU A 201 -17.86 -2.54 -13.30
N GLY A 202 -18.52 -1.74 -12.48
CA GLY A 202 -19.90 -1.39 -12.74
C GLY A 202 -20.92 -2.49 -12.50
N HIS A 203 -20.54 -3.51 -11.73
CA HIS A 203 -21.46 -4.60 -11.43
C HIS A 203 -21.42 -4.87 -9.93
N SER A 204 -22.59 -4.95 -9.30
CA SER A 204 -22.67 -5.17 -7.86
C SER A 204 -23.02 -6.60 -7.43
N SER A 205 -22.20 -7.16 -6.55
CA SER A 205 -22.44 -8.50 -6.02
C SER A 205 -22.89 -8.26 -4.58
N ASN A 206 -24.05 -8.81 -4.21
CA ASN A 206 -24.60 -8.61 -2.87
C ASN A 206 -24.75 -9.88 -2.04
N LYS A 207 -24.55 -9.73 -0.75
CA LYS A 207 -24.69 -10.81 0.22
C LYS A 207 -25.34 -10.20 1.46
N THR A 208 -26.31 -10.90 2.02
CA THR A 208 -27.01 -10.41 3.20
C THR A 208 -27.30 -11.55 4.16
N LEU A 209 -27.81 -11.20 5.33
CA LEU A 209 -28.17 -12.16 6.35
C LEU A 209 -29.12 -11.49 7.33
N SER A 210 -29.76 -12.30 8.17
CA SER A 210 -30.69 -11.79 9.18
C SER A 210 -30.15 -12.16 10.56
N ARG A 211 -30.12 -11.18 11.45
CA ARG A 211 -29.63 -11.39 12.81
C ARG A 211 -30.28 -12.57 13.50
N ALA A 212 -31.62 -12.58 13.51
CA ALA A 212 -32.36 -13.65 14.16
C ALA A 212 -32.23 -14.96 13.39
N GLU B 1 26.66 -2.85 -11.17
CA GLU B 1 25.86 -3.30 -9.99
C GLU B 1 25.61 -2.17 -9.00
N VAL B 2 25.02 -1.08 -9.48
CA VAL B 2 24.74 0.05 -8.61
C VAL B 2 23.60 -0.31 -7.66
N GLN B 3 23.79 -0.05 -6.37
CA GLN B 3 22.77 -0.34 -5.38
C GLN B 3 22.80 0.64 -4.23
N LEU B 4 21.62 0.93 -3.70
CA LEU B 4 21.48 1.81 -2.55
C LEU B 4 20.64 1.05 -1.52
N GLN B 5 21.24 0.77 -0.36
CA GLN B 5 20.57 0.05 0.71
C GLN B 5 20.30 0.94 1.90
N GLN B 6 19.04 1.04 2.29
CA GLN B 6 18.64 1.89 3.41
C GLN B 6 18.39 1.14 4.71
N SER B 7 18.46 1.85 5.83
CA SER B 7 18.21 1.23 7.13
C SER B 7 16.77 0.72 7.21
N GLY B 8 16.54 -0.22 8.12
CA GLY B 8 15.23 -0.82 8.29
C GLY B 8 14.15 0.07 8.90
N ALA B 9 12.94 -0.48 8.99
CA ALA B 9 11.79 0.24 9.54
C ALA B 9 12.07 0.84 10.91
N GLU B 10 11.44 1.98 11.18
CA GLU B 10 11.61 2.68 12.45
C GLU B 10 10.26 3.00 13.08
N LEU B 11 10.19 2.84 14.40
CA LEU B 11 8.99 3.15 15.16
C LEU B 11 9.46 4.14 16.22
N MET B 12 9.08 5.41 16.06
CA MET B 12 9.50 6.45 16.98
C MET B 12 8.34 7.11 17.69
N LYS B 13 8.65 7.73 18.83
CA LYS B 13 7.64 8.43 19.60
C LYS B 13 7.72 9.91 19.25
N PRO B 14 6.60 10.63 19.36
CA PRO B 14 6.61 12.06 19.04
C PRO B 14 7.71 12.79 19.78
N GLY B 15 8.40 13.69 19.10
CA GLY B 15 9.46 14.45 19.74
C GLY B 15 10.85 13.84 19.61
N ALA B 16 10.90 12.57 19.22
CA ALA B 16 12.19 11.88 19.07
C ALA B 16 12.92 12.34 17.80
N SER B 17 14.06 11.71 17.54
CA SER B 17 14.86 12.03 16.36
C SER B 17 15.37 10.73 15.74
N VAL B 18 15.25 10.62 14.41
CA VAL B 18 15.72 9.41 13.74
C VAL B 18 16.74 9.71 12.64
N LYS B 19 17.68 8.79 12.46
CA LYS B 19 18.73 8.95 11.45
C LYS B 19 18.64 7.79 10.46
N ILE B 20 18.25 8.11 9.24
CA ILE B 20 18.09 7.12 8.17
C ILE B 20 19.35 7.05 7.30
N SER B 21 19.83 5.84 7.06
CA SER B 21 21.05 5.67 6.26
C SER B 21 20.75 5.17 4.86
N CYS B 22 21.70 5.39 3.96
CA CYS B 22 21.61 4.99 2.56
C CYS B 22 23.00 4.58 2.08
N LYS B 23 23.25 3.28 2.05
CA LYS B 23 24.55 2.76 1.65
C LYS B 23 24.67 2.49 0.17
N ALA B 24 25.67 3.09 -0.47
CA ALA B 24 25.90 2.94 -1.89
C ALA B 24 27.01 1.95 -2.21
N THR B 25 26.84 1.21 -3.30
CA THR B 25 27.84 0.24 -3.75
C THR B 25 27.74 0.13 -5.26
N GLY B 26 28.85 -0.24 -5.90
CA GLY B 26 28.83 -0.39 -7.35
C GLY B 26 29.26 0.84 -8.12
N TYR B 27 29.58 1.92 -7.42
CA TYR B 27 30.02 3.15 -8.10
C TYR B 27 30.79 4.10 -7.18
N THR B 28 31.30 5.19 -7.76
CA THR B 28 32.04 6.17 -6.98
C THR B 28 31.05 7.10 -6.28
N PHE B 29 30.76 6.75 -5.03
CA PHE B 29 29.83 7.46 -4.16
C PHE B 29 30.00 8.98 -4.06
N SER B 30 31.24 9.45 -4.00
CA SER B 30 31.46 10.89 -3.84
C SER B 30 31.09 11.74 -5.06
N SER B 31 30.99 11.13 -6.23
CA SER B 31 30.72 11.87 -7.47
C SER B 31 29.26 12.10 -7.88
N TYR B 32 28.31 11.54 -7.14
CA TYR B 32 26.91 11.71 -7.51
C TYR B 32 26.02 12.27 -6.42
N TRP B 33 25.10 13.15 -6.81
CA TRP B 33 24.18 13.73 -5.85
C TRP B 33 23.23 12.64 -5.38
N ILE B 34 22.81 12.73 -4.12
CA ILE B 34 21.89 11.77 -3.52
C ILE B 34 20.64 12.54 -3.12
N GLU B 35 19.50 12.16 -3.70
CA GLU B 35 18.25 12.84 -3.39
C GLU B 35 17.54 12.13 -2.24
N TRP B 36 16.75 12.89 -1.49
CA TRP B 36 15.95 12.33 -0.40
C TRP B 36 14.51 12.68 -0.71
N VAL B 37 13.64 11.66 -0.63
CA VAL B 37 12.23 11.79 -0.96
C VAL B 37 11.30 11.25 0.12
N LYS B 38 10.17 11.92 0.30
CA LYS B 38 9.18 11.53 1.29
C LYS B 38 7.86 11.05 0.64
N GLN B 39 7.43 9.85 0.98
CA GLN B 39 6.19 9.32 0.42
C GLN B 39 5.18 9.03 1.52
N ARG B 40 4.14 9.86 1.56
CA ARG B 40 3.10 9.74 2.56
C ARG B 40 1.76 9.58 1.86
N PRO B 41 1.01 8.54 2.22
CA PRO B 41 -0.31 8.26 1.61
C PRO B 41 -1.17 9.52 1.53
N GLY B 42 -1.71 9.77 0.35
CA GLY B 42 -2.53 10.95 0.15
C GLY B 42 -1.73 12.21 -0.07
N HIS B 43 -0.41 12.07 -0.08
CA HIS B 43 0.48 13.21 -0.29
C HIS B 43 1.54 12.94 -1.36
N GLY B 44 1.26 11.96 -2.22
CA GLY B 44 2.18 11.62 -3.29
C GLY B 44 3.65 11.58 -2.88
N LEU B 45 4.47 12.39 -3.54
CA LEU B 45 5.89 12.44 -3.25
C LEU B 45 6.42 13.87 -3.07
N GLU B 46 7.17 14.08 -1.99
CA GLU B 46 7.78 15.38 -1.70
C GLU B 46 9.30 15.22 -1.75
N TRP B 47 9.97 16.25 -2.29
CA TRP B 47 11.42 16.27 -2.37
C TRP B 47 11.94 17.00 -1.12
N ILE B 48 12.72 16.30 -0.31
CA ILE B 48 13.27 16.87 0.92
C ILE B 48 14.51 17.72 0.62
N GLY B 49 15.40 17.18 -0.20
CA GLY B 49 16.61 17.89 -0.57
C GLY B 49 17.63 16.92 -1.13
N GLU B 50 18.87 17.37 -1.26
CA GLU B 50 19.92 16.51 -1.79
C GLU B 50 21.30 16.88 -1.26
N ILE B 51 22.26 15.98 -1.44
CA ILE B 51 23.62 16.21 -0.99
C ILE B 51 24.61 15.57 -1.95
N LEU B 52 25.73 16.23 -2.17
CA LEU B 52 26.80 15.72 -3.04
C LEU B 52 27.90 15.34 -2.07
N PRO B 53 28.08 14.02 -1.83
CA PRO B 53 29.10 13.50 -0.91
C PRO B 53 30.53 14.02 -1.08
N GLY B 54 30.96 14.17 -2.32
CA GLY B 54 32.31 14.63 -2.58
C GLY B 54 32.62 16.02 -2.02
N SER B 55 31.66 16.93 -2.10
CA SER B 55 31.86 18.30 -1.62
C SER B 55 31.14 18.56 -0.30
N GLY B 56 30.08 17.80 -0.02
CA GLY B 56 29.34 18.01 1.20
C GLY B 56 28.28 19.07 0.97
N ASP B 57 28.20 19.57 -0.25
CA ASP B 57 27.23 20.60 -0.61
C ASP B 57 25.81 20.02 -0.55
N THR B 58 24.87 20.83 -0.09
CA THR B 58 23.48 20.41 0.03
C THR B 58 22.52 21.44 -0.53
N ILE B 59 21.30 20.99 -0.80
CA ILE B 59 20.22 21.84 -1.29
C ILE B 59 18.95 21.32 -0.64
N PHE B 60 18.26 22.18 0.09
CA PHE B 60 17.04 21.79 0.80
C PHE B 60 15.75 22.38 0.24
N ASN B 61 14.68 21.62 0.39
CA ASN B 61 13.36 22.09 0.03
C ASN B 61 13.16 22.97 1.28
N GLU B 62 12.98 24.27 1.11
CA GLU B 62 12.84 25.16 2.25
C GLU B 62 11.92 24.63 3.34
N LYS B 63 10.86 23.95 2.93
CA LYS B 63 9.89 23.38 3.86
C LYS B 63 10.51 22.38 4.84
N PHE B 64 11.69 21.85 4.50
CA PHE B 64 12.36 20.86 5.34
C PHE B 64 13.66 21.34 6.00
N LYS B 65 13.99 22.62 5.82
CA LYS B 65 15.23 23.17 6.38
C LYS B 65 15.45 23.00 7.88
N GLY B 66 14.38 23.01 8.66
CA GLY B 66 14.53 22.86 10.10
C GLY B 66 14.15 21.48 10.58
N LYS B 67 13.78 20.62 9.64
CA LYS B 67 13.39 19.25 9.95
C LYS B 67 14.46 18.22 9.62
N ALA B 68 15.10 18.36 8.46
CA ALA B 68 16.11 17.41 8.05
C ALA B 68 17.54 17.92 7.98
N THR B 69 18.48 17.00 8.18
CA THR B 69 19.89 17.32 8.11
C THR B 69 20.56 16.21 7.31
N PHE B 70 21.33 16.61 6.31
CA PHE B 70 22.03 15.66 5.44
C PHE B 70 23.49 15.48 5.79
N THR B 71 23.96 14.24 5.83
CA THR B 71 25.37 13.93 6.09
C THR B 71 25.79 12.80 5.17
N ALA B 72 27.10 12.63 5.03
CA ALA B 72 27.63 11.57 4.18
C ALA B 72 29.03 11.20 4.63
N ASP B 73 29.39 9.95 4.36
CA ASP B 73 30.70 9.44 4.74
C ASP B 73 31.33 8.80 3.51
N THR B 74 32.30 9.49 2.90
CA THR B 74 32.95 8.94 1.72
C THR B 74 33.85 7.76 2.09
N SER B 75 34.01 7.52 3.37
CA SER B 75 34.83 6.39 3.82
C SER B 75 34.01 5.11 3.81
N SER B 76 32.75 5.20 4.27
CA SER B 76 31.86 4.05 4.32
C SER B 76 30.85 4.09 3.18
N ASN B 77 30.99 5.08 2.31
CA ASN B 77 30.08 5.25 1.18
C ASN B 77 28.62 5.21 1.61
N THR B 78 28.31 5.97 2.67
CA THR B 78 26.95 6.01 3.19
C THR B 78 26.46 7.44 3.39
N ALA B 79 25.21 7.67 3.02
CA ALA B 79 24.57 8.98 3.18
C ALA B 79 23.51 8.81 4.26
N TYR B 80 23.27 9.88 5.02
CA TYR B 80 22.29 9.81 6.09
C TYR B 80 21.39 11.03 6.10
N MET B 81 20.17 10.85 6.58
CA MET B 81 19.26 11.98 6.72
C MET B 81 18.63 11.85 8.10
N GLN B 82 18.78 12.90 8.91
CA GLN B 82 18.22 12.88 10.24
C GLN B 82 17.01 13.80 10.32
N LEU B 83 15.92 13.27 10.86
CA LEU B 83 14.68 14.03 11.03
C LEU B 83 14.48 14.32 12.52
N SER B 84 14.37 15.59 12.87
CA SER B 84 14.19 15.96 14.27
C SER B 84 12.77 16.36 14.65
N SER B 85 12.51 16.44 15.97
CA SER B 85 11.19 16.80 16.50
C SER B 85 10.08 16.11 15.72
N LEU B 86 10.11 14.79 15.71
CA LEU B 86 9.14 14.01 14.97
C LEU B 86 7.68 14.20 15.40
N THR B 87 6.79 14.25 14.42
CA THR B 87 5.36 14.38 14.65
C THR B 87 4.69 13.38 13.73
N SER B 88 3.38 13.19 13.89
CA SER B 88 2.64 12.23 13.06
C SER B 88 2.75 12.55 11.56
N GLU B 89 2.91 13.82 11.23
CA GLU B 89 3.04 14.21 9.83
C GLU B 89 4.35 13.70 9.23
N ASP B 90 5.28 13.27 10.07
CA ASP B 90 6.55 12.73 9.58
C ASP B 90 6.46 11.25 9.25
N SER B 91 5.33 10.63 9.60
CA SER B 91 5.15 9.22 9.30
C SER B 91 5.03 9.04 7.80
N ALA B 92 5.89 8.17 7.26
CA ALA B 92 5.92 7.89 5.83
C ALA B 92 7.11 7.01 5.50
N VAL B 93 7.30 6.78 4.20
CA VAL B 93 8.40 5.98 3.70
C VAL B 93 9.38 6.95 3.05
N TYR B 94 10.64 6.88 3.47
CA TYR B 94 11.65 7.76 2.91
C TYR B 94 12.59 7.02 1.98
N TYR B 95 12.94 7.69 0.89
CA TYR B 95 13.83 7.10 -0.10
C TYR B 95 15.01 7.98 -0.38
N CYS B 96 16.12 7.35 -0.76
CA CYS B 96 17.28 8.08 -1.21
C CYS B 96 17.36 7.61 -2.65
N ALA B 97 17.89 8.44 -3.53
CA ALA B 97 17.99 8.07 -4.93
C ALA B 97 19.18 8.78 -5.54
N ARG B 98 19.84 8.11 -6.48
CA ARG B 98 20.99 8.70 -7.13
C ARG B 98 20.63 9.58 -8.31
N TRP B 99 21.21 10.77 -8.32
CA TRP B 99 21.00 11.70 -9.43
C TRP B 99 22.29 11.65 -10.25
N VAL B 100 22.15 11.53 -11.57
CA VAL B 100 23.31 11.49 -12.46
C VAL B 100 23.23 12.73 -13.34
N LEU B 101 24.25 13.58 -13.25
CA LEU B 101 24.28 14.84 -13.99
C LEU B 101 24.06 14.77 -15.50
N ASP B 102 24.80 13.93 -16.20
CA ASP B 102 24.67 13.82 -17.65
C ASP B 102 23.35 13.19 -18.08
N TYR B 103 22.68 12.54 -17.14
CA TYR B 103 21.40 11.89 -17.40
C TYR B 103 20.26 12.84 -17.07
N TYR B 104 20.56 13.82 -16.21
CA TYR B 104 19.57 14.79 -15.78
C TYR B 104 18.37 14.14 -15.11
N GLY B 105 18.62 13.19 -14.22
CA GLY B 105 17.56 12.51 -13.52
C GLY B 105 18.04 11.48 -12.51
N MET B 106 17.09 10.90 -11.78
CA MET B 106 17.38 9.90 -10.76
C MET B 106 17.25 8.50 -11.34
N ASP B 107 18.32 7.71 -11.26
CA ASP B 107 18.23 6.35 -11.79
C ASP B 107 18.00 5.29 -10.72
N TYR B 108 18.97 5.06 -9.85
CA TYR B 108 18.77 4.05 -8.82
C TYR B 108 18.16 4.61 -7.54
N TRP B 109 17.23 3.83 -6.98
CA TRP B 109 16.55 4.21 -5.75
C TRP B 109 16.78 3.19 -4.65
N GLY B 110 16.79 3.67 -3.40
CA GLY B 110 16.95 2.77 -2.28
C GLY B 110 15.62 2.06 -2.13
N GLN B 111 15.53 1.05 -1.27
CA GLN B 111 14.28 0.32 -1.12
C GLN B 111 13.25 1.09 -0.31
N GLY B 112 13.67 2.16 0.35
CA GLY B 112 12.75 2.94 1.16
C GLY B 112 12.77 2.54 2.63
N THR B 113 12.56 3.52 3.51
CA THR B 113 12.55 3.30 4.94
C THR B 113 11.22 3.78 5.54
N SER B 114 10.48 2.86 6.16
CA SER B 114 9.19 3.18 6.76
C SER B 114 9.34 3.75 8.16
N LEU B 115 8.96 5.02 8.33
CA LEU B 115 9.02 5.67 9.63
C LEU B 115 7.61 5.81 10.18
N THR B 116 7.40 5.30 11.37
CA THR B 116 6.10 5.38 12.02
C THR B 116 6.29 6.15 13.31
N VAL B 117 5.69 7.34 13.37
CA VAL B 117 5.76 8.17 14.56
C VAL B 117 4.45 8.00 15.30
N SER B 118 4.49 7.28 16.42
CA SER B 118 3.29 7.01 17.20
C SER B 118 3.60 6.93 18.69
N SER B 119 2.56 7.07 19.51
CA SER B 119 2.70 7.00 20.96
C SER B 119 1.82 5.86 21.47
N ALA B 120 1.24 5.13 20.54
CA ALA B 120 0.38 4.00 20.88
C ALA B 120 1.19 2.89 21.52
N SER B 121 0.57 2.15 22.42
CA SER B 121 1.25 1.06 23.10
C SER B 121 0.83 -0.30 22.55
N THR B 122 1.67 -1.30 22.77
CA THR B 122 1.39 -2.65 22.31
C THR B 122 0.09 -3.10 22.95
N THR B 123 -0.81 -3.60 22.11
CA THR B 123 -2.12 -4.06 22.58
C THR B 123 -2.42 -5.40 21.91
N PRO B 124 -2.76 -6.42 22.70
CA PRO B 124 -3.06 -7.75 22.16
C PRO B 124 -4.43 -7.78 21.47
N PRO B 125 -4.62 -8.70 20.54
CA PRO B 125 -5.90 -8.78 19.83
C PRO B 125 -6.94 -9.66 20.52
N SER B 126 -8.18 -9.54 20.08
CA SER B 126 -9.26 -10.38 20.57
C SER B 126 -9.54 -11.25 19.36
N VAL B 127 -9.65 -12.56 19.58
CA VAL B 127 -9.90 -13.47 18.47
C VAL B 127 -11.29 -14.06 18.55
N TYR B 128 -12.06 -13.94 17.48
CA TYR B 128 -13.40 -14.46 17.46
C TYR B 128 -13.64 -15.35 16.26
N PRO B 129 -14.31 -16.49 16.47
CA PRO B 129 -14.58 -17.42 15.37
C PRO B 129 -15.64 -16.86 14.43
N LEU B 130 -15.52 -17.20 13.15
CA LEU B 130 -16.48 -16.75 12.15
C LEU B 130 -17.08 -17.97 11.46
N ALA B 131 -18.34 -18.24 11.77
CA ALA B 131 -19.02 -19.38 11.18
C ALA B 131 -20.15 -18.91 10.27
N PRO B 132 -20.57 -19.76 9.32
CA PRO B 132 -21.64 -19.47 8.36
C PRO B 132 -22.98 -19.19 9.03
N GLY B 133 -23.92 -18.62 8.26
CA GLY B 133 -25.23 -18.32 8.80
C GLY B 133 -26.05 -19.60 8.95
N GLY B 134 -26.15 -20.09 10.18
CA GLY B 134 -26.92 -21.31 10.43
C GLY B 134 -28.33 -21.03 10.90
N SER B 141 -24.04 -25.47 -0.88
CA SER B 141 -22.85 -25.42 -1.73
C SER B 141 -21.91 -26.59 -1.47
N ALA B 142 -20.99 -26.83 -2.39
CA ALA B 142 -20.03 -27.92 -2.27
C ALA B 142 -18.91 -27.53 -1.30
N MET B 143 -18.66 -26.23 -1.22
CA MET B 143 -17.62 -25.71 -0.33
C MET B 143 -18.25 -24.89 0.78
N VAL B 144 -17.48 -24.63 1.83
CA VAL B 144 -17.96 -23.85 2.96
C VAL B 144 -16.79 -23.00 3.44
N THR B 145 -17.04 -21.72 3.70
CA THR B 145 -15.97 -20.83 4.13
C THR B 145 -16.08 -20.48 5.61
N LEU B 146 -14.99 -20.69 6.33
CA LEU B 146 -14.94 -20.41 7.76
C LEU B 146 -13.90 -19.31 7.96
N GLY B 147 -13.96 -18.62 9.10
CA GLY B 147 -12.99 -17.56 9.31
C GLY B 147 -12.73 -17.22 10.75
N CYS B 148 -11.78 -16.32 10.95
CA CYS B 148 -11.42 -15.84 12.27
C CYS B 148 -11.17 -14.35 12.21
N LEU B 149 -11.72 -13.65 13.18
CA LEU B 149 -11.59 -12.20 13.29
C LEU B 149 -10.53 -11.91 14.34
N VAL B 150 -9.52 -11.11 13.96
CA VAL B 150 -8.45 -10.75 14.87
C VAL B 150 -8.59 -9.24 15.00
N LYS B 151 -9.18 -8.82 16.11
CA LYS B 151 -9.48 -7.41 16.35
C LYS B 151 -8.78 -6.65 17.48
N GLY B 152 -8.53 -5.37 17.21
CA GLY B 152 -7.92 -4.49 18.20
C GLY B 152 -6.51 -4.75 18.67
N TYR B 153 -5.57 -4.93 17.74
CA TYR B 153 -4.19 -5.16 18.14
C TYR B 153 -3.26 -4.06 17.64
N PHE B 154 -2.07 -4.01 18.22
CA PHE B 154 -1.06 -3.03 17.85
C PHE B 154 0.27 -3.44 18.48
N PRO B 155 1.36 -3.39 17.69
CA PRO B 155 1.32 -2.97 16.29
C PRO B 155 1.21 -4.21 15.42
N GLU B 156 1.27 -4.03 14.11
CA GLU B 156 1.23 -5.17 13.20
C GLU B 156 2.55 -5.88 13.44
N PRO B 157 2.64 -7.17 13.08
CA PRO B 157 1.56 -7.95 12.47
C PRO B 157 1.07 -9.06 13.39
N VAL B 158 0.24 -9.92 12.82
CA VAL B 158 -0.27 -11.09 13.51
C VAL B 158 -0.21 -12.17 12.44
N THR B 159 -0.17 -13.42 12.88
CA THR B 159 -0.10 -14.53 11.96
C THR B 159 -1.31 -15.41 12.25
N VAL B 160 -1.80 -16.07 11.22
CA VAL B 160 -2.95 -16.96 11.37
C VAL B 160 -2.70 -18.21 10.54
N VAL B 161 -2.87 -19.37 11.17
CA VAL B 161 -2.71 -20.63 10.47
C VAL B 161 -3.96 -21.43 10.81
N TRP B 162 -4.23 -22.46 10.02
CA TRP B 162 -5.40 -23.28 10.27
C TRP B 162 -5.00 -24.72 10.56
N ASN B 163 -5.62 -25.29 11.58
CA ASN B 163 -5.33 -26.66 12.02
C ASN B 163 -3.82 -26.83 12.11
N LYS B 164 -3.18 -25.87 12.79
CA LYS B 164 -1.74 -25.87 12.99
C LYS B 164 -0.94 -26.00 11.70
N GLY B 165 -1.46 -25.42 10.62
CA GLY B 165 -0.76 -25.50 9.34
C GLY B 165 -1.23 -26.64 8.46
N SER B 166 -1.99 -27.57 9.06
CA SER B 166 -2.51 -28.74 8.33
C SER B 166 -3.49 -28.33 7.24
N LEU B 167 -4.04 -27.13 7.35
CA LEU B 167 -4.98 -26.61 6.38
C LEU B 167 -4.29 -25.40 5.76
N SER B 168 -3.82 -25.54 4.53
CA SER B 168 -3.10 -24.45 3.87
C SER B 168 -3.73 -23.94 2.57
N THR B 169 -4.30 -24.85 1.78
CA THR B 169 -4.94 -24.45 0.54
C THR B 169 -6.33 -23.90 0.86
N GLY B 170 -6.75 -22.88 0.11
CA GLY B 170 -8.06 -22.30 0.35
C GLY B 170 -8.05 -21.27 1.46
N THR B 171 -6.85 -20.94 1.95
CA THR B 171 -6.73 -19.95 3.01
C THR B 171 -6.53 -18.55 2.44
N HIS B 172 -7.21 -17.58 3.04
CA HIS B 172 -7.10 -16.19 2.65
C HIS B 172 -6.96 -15.35 3.91
N THR B 173 -5.78 -14.79 4.12
CA THR B 173 -5.54 -13.92 5.26
C THR B 173 -5.44 -12.54 4.64
N PHE B 174 -6.40 -11.70 4.98
CA PHE B 174 -6.51 -10.35 4.42
C PHE B 174 -5.62 -9.30 5.05
N PRO B 175 -5.35 -8.21 4.31
CA PRO B 175 -4.51 -7.14 4.86
C PRO B 175 -5.27 -6.53 6.03
N ALA B 176 -4.56 -5.99 7.01
CA ALA B 176 -5.22 -5.37 8.15
C ALA B 176 -5.66 -3.96 7.80
N VAL B 177 -6.56 -3.42 8.60
CA VAL B 177 -7.04 -2.06 8.40
C VAL B 177 -7.15 -1.43 9.78
N LEU B 178 -7.07 -0.10 9.83
CA LEU B 178 -7.21 0.59 11.11
C LEU B 178 -8.67 0.87 11.45
N ALA B 179 -9.04 0.61 12.70
CA ALA B 179 -10.39 0.84 13.18
C ALA B 179 -10.26 1.48 14.55
N ALA B 180 -10.32 2.81 14.58
CA ALA B 180 -10.21 3.55 15.83
C ALA B 180 -8.82 3.39 16.46
N ASP B 181 -7.79 3.62 15.65
CA ASP B 181 -6.39 3.55 16.08
C ASP B 181 -5.76 2.18 16.36
N LEU B 182 -6.54 1.11 16.19
CA LEU B 182 -6.01 -0.24 16.39
C LEU B 182 -6.25 -1.04 15.11
N TYR B 183 -5.48 -2.11 14.91
CA TYR B 183 -5.61 -2.93 13.71
C TYR B 183 -6.64 -4.05 13.82
N THR B 184 -7.31 -4.31 12.69
CA THR B 184 -8.29 -5.37 12.58
C THR B 184 -7.98 -6.18 11.33
N LEU B 185 -7.89 -7.49 11.51
CA LEU B 185 -7.58 -8.40 10.41
C LEU B 185 -8.49 -9.61 10.50
N SER B 186 -8.68 -10.28 9.37
CA SER B 186 -9.50 -11.50 9.35
C SER B 186 -8.86 -12.48 8.39
N SER B 187 -9.08 -13.76 8.65
CA SER B 187 -8.54 -14.81 7.82
C SER B 187 -9.67 -15.79 7.59
N SER B 188 -9.72 -16.39 6.40
CA SER B 188 -10.76 -17.35 6.10
C SER B 188 -10.17 -18.59 5.45
N VAL B 189 -10.87 -19.70 5.59
CA VAL B 189 -10.43 -20.94 4.99
C VAL B 189 -11.65 -21.58 4.37
N THR B 190 -11.49 -22.05 3.14
CA THR B 190 -12.58 -22.68 2.43
C THR B 190 -12.26 -24.16 2.31
N VAL B 191 -13.15 -24.99 2.82
CA VAL B 191 -12.94 -26.43 2.78
C VAL B 191 -14.18 -27.13 2.25
N SER B 192 -14.00 -28.41 1.91
CA SER B 192 -15.10 -29.21 1.40
C SER B 192 -16.22 -29.22 2.42
N ALA B 193 -17.44 -29.02 1.97
CA ALA B 193 -18.61 -28.99 2.85
C ALA B 193 -18.71 -30.27 3.68
N SER B 194 -18.04 -31.33 3.24
CA SER B 194 -18.07 -32.61 3.93
C SER B 194 -17.06 -32.72 5.08
N SER B 195 -16.06 -31.85 5.08
CA SER B 195 -15.03 -31.88 6.12
C SER B 195 -15.42 -31.10 7.37
N TRP B 196 -16.44 -30.25 7.27
CA TRP B 196 -16.89 -29.45 8.41
C TRP B 196 -18.42 -29.35 8.38
N PRO B 197 -19.07 -29.50 9.55
CA PRO B 197 -18.53 -29.76 10.89
C PRO B 197 -17.92 -31.16 11.08
N GLY B 198 -18.10 -32.02 10.07
CA GLY B 198 -17.57 -33.38 10.14
C GLY B 198 -16.25 -33.48 10.89
N GLN B 199 -15.29 -32.64 10.51
CA GLN B 199 -13.99 -32.64 11.14
C GLN B 199 -13.83 -31.29 11.82
N SER B 200 -12.72 -31.09 12.53
CA SER B 200 -12.50 -29.83 13.23
C SER B 200 -11.66 -28.83 12.46
N VAL B 201 -11.99 -27.55 12.65
CA VAL B 201 -11.26 -26.46 12.00
C VAL B 201 -10.94 -25.44 13.09
N THR B 202 -9.66 -25.22 13.31
CA THR B 202 -9.23 -24.28 14.34
C THR B 202 -8.25 -23.29 13.76
N CYS B 203 -8.43 -22.01 14.10
CA CYS B 203 -7.47 -21.03 13.62
C CYS B 203 -6.52 -20.76 14.77
N ASN B 204 -5.25 -20.57 14.44
CA ASN B 204 -4.24 -20.31 15.44
C ASN B 204 -3.71 -18.92 15.16
N VAL B 205 -4.01 -17.99 16.08
CA VAL B 205 -3.59 -16.61 15.94
C VAL B 205 -2.43 -16.27 16.87
N ALA B 206 -1.46 -15.54 16.34
CA ALA B 206 -0.31 -15.13 17.14
C ALA B 206 -0.01 -13.66 16.89
N HIS B 207 0.34 -12.96 17.97
CA HIS B 207 0.69 -11.54 17.91
C HIS B 207 2.00 -11.39 18.65
N PRO B 208 3.12 -11.62 17.96
CA PRO B 208 4.48 -11.53 18.52
C PRO B 208 4.74 -10.35 19.47
N ALA B 209 4.39 -9.15 19.02
CA ALA B 209 4.61 -7.96 19.82
C ALA B 209 4.10 -8.06 21.26
N SER B 210 2.90 -8.61 21.44
CA SER B 210 2.33 -8.77 22.78
C SER B 210 2.57 -10.20 23.27
N SER B 211 3.18 -11.00 22.41
CA SER B 211 3.48 -12.39 22.75
C SER B 211 2.20 -13.13 23.15
N THR B 212 1.15 -12.92 22.37
CA THR B 212 -0.13 -13.57 22.64
C THR B 212 -0.42 -14.62 21.57
N LYS B 213 -1.04 -15.72 21.97
CA LYS B 213 -1.40 -16.79 21.04
C LYS B 213 -2.78 -17.30 21.44
N VAL B 214 -3.66 -17.49 20.46
CA VAL B 214 -5.02 -17.94 20.72
C VAL B 214 -5.48 -18.96 19.69
N ASP B 215 -6.02 -20.08 20.16
CA ASP B 215 -6.56 -21.09 19.27
C ASP B 215 -8.06 -21.05 19.47
N LYS B 216 -8.79 -20.82 18.39
CA LYS B 216 -10.24 -20.73 18.43
C LYS B 216 -10.84 -21.73 17.45
N LYS B 217 -11.65 -22.64 17.96
CA LYS B 217 -12.30 -23.63 17.13
C LYS B 217 -13.55 -23.03 16.51
N ILE B 218 -13.79 -23.32 15.24
CA ILE B 218 -14.97 -22.81 14.54
C ILE B 218 -16.08 -23.83 14.73
N ALA B 219 -17.10 -23.44 15.47
CA ALA B 219 -18.22 -24.33 15.74
C ALA B 219 -19.49 -23.79 15.13
N PRO B 220 -20.35 -24.69 14.61
CA PRO B 220 -21.62 -24.30 13.99
C PRO B 220 -22.36 -23.37 14.92
N SER B 221 -22.90 -22.28 14.38
CA SER B 221 -23.64 -21.32 15.19
C SER B 221 -24.97 -21.94 15.62
#